data_5CKI
#
_entry.id   5CKI
#
_cell.length_a   80.845
_cell.length_b   80.845
_cell.length_c   55.814
_cell.angle_alpha   90.00
_cell.angle_beta   90.00
_cell.angle_gamma   90.00
#
_symmetry.space_group_name_H-M   'P 43 21 2'
#
loop_
_entity.id
_entity.type
_entity.pdbx_description
1 polymer "RNA (5'-R(P*GP*CP*AP*CP*UP*AP*GP*AP*UP*CP*GP*GP*AP*UP*G)-3')"
2 polymer 'DNA (44-MER)'
3 non-polymer 'COBALT (II) ION'
4 non-polymer 'MAGNESIUM ION'
#
loop_
_entity_poly.entity_id
_entity_poly.type
_entity_poly.pdbx_seq_one_letter_code
_entity_poly.pdbx_strand_id
1 'polyribonucleotide' GCACUAGAUCGGAUG D
2 'polydeoxyribonucleotide'
;(DA)(DT)(DC)(DC)(DG)(DA)(DT)(DG)(DG)(DA)(DT)(DC)(DA)(DT)(DA)(DA)(DC)(DG)(DG)(DT)
(DC)(DG)(DG)(DA)(DG)(DG)(DG)(DG)(DT)(DT)(DT)(DG)(DC)(DC)(DG)(DT)(DT)(DT)(DA)(DA)
(DG)(DT)(DG)(DC)(DC)
;
Y
#
loop_
_chem_comp.id
_chem_comp.type
_chem_comp.name
_chem_comp.formula
A RNA linking ADENOSINE-5'-MONOPHOSPHATE 'C10 H14 N5 O7 P'
C RNA linking CYTIDINE-5'-MONOPHOSPHATE 'C9 H14 N3 O8 P'
CO non-polymer 'COBALT (II) ION' 'Co 2'
DA DNA linking 2'-DEOXYADENOSINE-5'-MONOPHOSPHATE 'C10 H14 N5 O6 P'
DC DNA linking 2'-DEOXYCYTIDINE-5'-MONOPHOSPHATE 'C9 H14 N3 O7 P'
DG DNA linking 2'-DEOXYGUANOSINE-5'-MONOPHOSPHATE 'C10 H14 N5 O7 P'
DT DNA linking THYMIDINE-5'-MONOPHOSPHATE 'C10 H15 N2 O8 P'
G RNA linking GUANOSINE-5'-MONOPHOSPHATE 'C10 H14 N5 O8 P'
MG non-polymer 'MAGNESIUM ION' 'Mg 2'
U RNA linking URIDINE-5'-MONOPHOSPHATE 'C9 H13 N2 O9 P'
#
# COMPACT_ATOMS: atom_id res chain seq x y z
CO CO C . 1.15 7.51 0.37
CO CO D . -25.48 2.73 3.46
CO CO E . 12.56 5.31 -2.40
CO CO F . -1.93 -11.31 9.63
MG MG G . 7.74 -2.93 -2.73
MG MG H . 5.96 -1.32 -8.33
#